data_4OUO
#
_entry.id   4OUO
#
_cell.length_a   102.500
_cell.length_b   51.100
_cell.length_c   44.900
_cell.angle_alpha   90.00
_cell.angle_beta   105.00
_cell.angle_gamma   90.00
#
_symmetry.space_group_name_H-M   'C 1 2 1'
#
loop_
_entity.id
_entity.type
_entity.pdbx_description
1 polymer 'anti Bla g 1 scFv'
2 non-polymer 'SULFATE ION'
3 non-polymer 'CHLORIDE ION'
4 water water
#
_entity_poly.entity_id   1
_entity_poly.type   'polypeptide(L)'
_entity_poly.pdbx_seq_one_letter_code
;GSFTQAALTQPSSVSANPGETVKITCSGGGSSSNYGWFQQKSPGSAPVTVIYNNNNRPSDIPSRFSGSKSGSTATLTITG
VQADDEAVYFCGGRDSTYAGMFGAGTTLTVLGQSSRSSAVTLDESGGGLQTPGGALSLVCKASGFTFSVYDMMWVRQAPS
KGLEWVAGIGITGSTYYASAVKGRATISRDNGQSTVRLQLNNLRAEDTGTYYCARGGAYSINKLDTWGQGTEVIVSS
;
_entity_poly.pdbx_strand_id   A
#
# COMPACT_ATOMS: atom_id res chain seq x y z
N SER A 2 18.67 7.50 15.04
CA SER A 2 18.51 7.51 13.55
C SER A 2 19.27 6.33 12.95
N PHE A 3 20.55 6.21 13.27
CA PHE A 3 21.29 5.04 12.83
C PHE A 3 21.08 3.84 13.76
N THR A 4 20.17 3.96 14.76
CA THR A 4 19.84 2.80 15.56
C THR A 4 18.35 2.70 15.68
N GLN A 5 17.88 1.47 15.79
CA GLN A 5 16.47 1.21 16.00
C GLN A 5 16.32 -0.04 16.85
N ALA A 6 15.31 -0.06 17.72
CA ALA A 6 14.92 -1.32 18.35
C ALA A 6 13.41 -1.42 18.33
N ALA A 7 12.91 -2.59 17.93
CA ALA A 7 11.48 -2.85 17.72
C ALA A 7 11.14 -4.22 18.32
N LEU A 8 9.84 -4.51 18.42
CA LEU A 8 9.43 -5.83 18.80
C LEU A 8 9.69 -6.75 17.59
N THR A 9 9.91 -8.03 17.85
CA THR A 9 10.15 -8.99 16.77
C THR A 9 8.86 -9.73 16.45
N GLN A 10 8.45 -9.70 15.19
CA GLN A 10 7.40 -10.56 14.72
C GLN A 10 7.75 -10.99 13.33
N PRO A 11 7.19 -12.12 12.89
CA PRO A 11 7.48 -12.66 11.55
C PRO A 11 6.92 -11.78 10.43
N SER A 12 7.58 -11.81 9.28
CA SER A 12 7.14 -11.01 8.14
C SER A 12 5.80 -11.45 7.56
N SER A 13 5.54 -12.75 7.51
CA SER A 13 4.32 -13.23 6.88
C SER A 13 3.89 -14.61 7.36
N VAL A 14 2.63 -14.93 7.09
CA VAL A 14 2.06 -16.21 7.45
C VAL A 14 0.98 -16.40 6.46
N SER A 15 0.82 -17.62 5.94
CA SER A 15 -0.17 -17.88 4.92
C SER A 15 -1.10 -18.93 5.49
N ALA A 16 -2.37 -18.88 5.11
CA ALA A 16 -3.30 -19.88 5.62
C ALA A 16 -4.40 -20.08 4.62
N ASN A 17 -4.99 -21.28 4.60
CA ASN A 17 -6.15 -21.54 3.79
C ASN A 17 -7.35 -21.14 4.57
N PRO A 18 -8.45 -20.84 3.88
CA PRO A 18 -9.63 -20.47 4.65
C PRO A 18 -10.09 -21.57 5.61
N GLY A 19 -10.46 -21.15 6.81
CA GLY A 19 -10.96 -22.07 7.81
C GLY A 19 -9.92 -22.48 8.80
N GLU A 20 -8.66 -22.19 8.51
CA GLU A 20 -7.58 -22.56 9.43
C GLU A 20 -7.49 -21.66 10.67
N THR A 21 -6.74 -22.16 11.65
CA THR A 21 -6.37 -21.41 12.83
C THR A 21 -4.92 -20.95 12.64
N VAL A 22 -4.73 -19.64 12.73
CA VAL A 22 -3.43 -19.02 12.52
C VAL A 22 -2.94 -18.47 13.85
N LYS A 23 -1.65 -18.63 14.13
CA LYS A 23 -1.06 -18.01 15.32
C LYS A 23 0.16 -17.24 14.87
N ILE A 24 0.34 -16.05 15.44
CA ILE A 24 1.47 -15.18 15.12
C ILE A 24 2.01 -14.78 16.46
N THR A 25 3.32 -14.91 16.65
CA THR A 25 3.94 -14.61 17.93
C THR A 25 4.87 -13.42 17.75
N CYS A 26 5.01 -12.64 18.80
N CYS A 26 4.99 -12.63 18.80
CA CYS A 26 5.94 -11.52 18.84
CA CYS A 26 5.85 -11.44 18.85
C CYS A 26 6.77 -11.64 20.12
C CYS A 26 6.64 -11.42 20.18
N SER A 27 7.87 -10.89 20.18
CA SER A 27 8.69 -10.87 21.38
C SER A 27 9.36 -9.51 21.54
N GLY A 28 9.75 -9.23 22.77
CA GLY A 28 10.47 -8.02 23.09
C GLY A 28 9.69 -7.14 24.04
N GLY A 29 10.17 -5.91 24.21
CA GLY A 29 9.56 -4.96 25.10
C GLY A 29 10.15 -5.05 26.51
N GLY A 30 9.76 -4.10 27.37
CA GLY A 30 10.25 -4.12 28.74
C GLY A 30 9.84 -5.40 29.41
N SER A 31 10.53 -5.77 30.48
CA SER A 31 10.31 -7.09 31.07
C SER A 31 8.87 -7.31 31.57
N SER A 32 8.25 -6.28 32.10
CA SER A 32 6.88 -6.42 32.61
C SER A 32 5.81 -5.91 31.62
N SER A 33 6.19 -5.67 30.38
CA SER A 33 5.25 -5.05 29.48
C SER A 33 4.20 -6.01 28.97
N ASN A 34 3.11 -5.44 28.50
CA ASN A 34 1.99 -6.17 27.95
C ASN A 34 1.90 -5.82 26.48
N TYR A 35 0.96 -6.41 25.77
CA TYR A 35 0.95 -6.37 24.30
C TYR A 35 -0.43 -6.15 23.72
N GLY A 36 -0.48 -5.49 22.59
CA GLY A 36 -1.68 -5.37 21.81
C GLY A 36 -1.40 -5.72 20.36
N TRP A 37 -2.47 -5.92 19.61
CA TRP A 37 -2.42 -6.30 18.20
C TRP A 37 -3.38 -5.45 17.37
N PHE A 38 -2.88 -4.95 16.25
CA PHE A 38 -3.63 -4.00 15.44
C PHE A 38 -3.65 -4.49 14.01
N GLN A 39 -4.82 -4.43 13.43
CA GLN A 39 -5.04 -4.93 12.07
C GLN A 39 -5.09 -3.74 11.12
N GLN A 40 -4.31 -3.80 10.04
CA GLN A 40 -4.38 -2.81 8.98
C GLN A 40 -4.59 -3.51 7.62
N LYS A 41 -5.81 -3.43 7.10
CA LYS A 41 -6.15 -4.23 5.91
C LYS A 41 -5.46 -3.73 4.64
N SER A 42 -5.10 -2.44 4.60
CA SER A 42 -4.31 -1.92 3.49
C SER A 42 -3.60 -0.69 4.01
N PRO A 43 -2.47 -0.33 3.40
CA PRO A 43 -1.67 0.77 3.94
C PRO A 43 -2.42 2.09 4.05
N GLY A 44 -3.49 2.24 3.27
CA GLY A 44 -4.28 3.45 3.26
C GLY A 44 -5.47 3.44 4.21
N SER A 45 -5.67 2.34 4.93
CA SER A 45 -6.78 2.25 5.86
C SER A 45 -6.21 2.38 7.28
N ALA A 46 -7.00 2.90 8.20
CA ALA A 46 -6.54 3.13 9.55
C ALA A 46 -6.47 1.81 10.31
N PRO A 47 -5.48 1.65 11.19
CA PRO A 47 -5.46 0.42 11.97
C PRO A 47 -6.67 0.33 12.86
N VAL A 48 -7.03 -0.89 13.24
CA VAL A 48 -8.00 -1.11 14.28
C VAL A 48 -7.42 -2.10 15.27
N THR A 49 -7.81 -1.95 16.53
CA THR A 49 -7.35 -2.86 17.55
C THR A 49 -8.15 -4.15 17.42
N VAL A 50 -7.45 -5.28 17.38
CA VAL A 50 -8.12 -6.57 17.50
C VAL A 50 -7.91 -7.20 18.88
N ILE A 51 -6.75 -6.97 19.50
CA ILE A 51 -6.51 -7.38 20.89
C ILE A 51 -5.78 -6.26 21.64
N TYR A 52 -6.17 -6.00 22.88
CA TYR A 52 -5.41 -5.11 23.71
C TYR A 52 -5.23 -5.74 25.08
N ASN A 53 -4.26 -5.21 25.82
CA ASN A 53 -3.91 -5.77 27.13
C ASN A 53 -3.82 -7.29 27.14
N ASN A 54 -3.00 -7.78 26.20
CA ASN A 54 -2.65 -9.16 26.01
C ASN A 54 -3.74 -10.03 25.44
N ASN A 55 -4.98 -9.86 25.92
CA ASN A 55 -6.02 -10.84 25.68
C ASN A 55 -7.45 -10.30 25.59
N ASN A 56 -7.61 -8.98 25.62
CA ASN A 56 -8.95 -8.40 25.54
C ASN A 56 -9.30 -8.04 24.12
N ARG A 57 -10.54 -8.33 23.75
CA ARG A 57 -11.09 -7.93 22.45
C ARG A 57 -11.93 -6.67 22.61
N PRO A 58 -11.81 -5.70 21.69
CA PRO A 58 -12.79 -4.62 21.67
C PRO A 58 -14.17 -5.17 21.31
N SER A 59 -15.22 -4.47 21.70
CA SER A 59 -16.57 -5.00 21.50
C SER A 59 -16.88 -5.36 20.04
N ASP A 60 -16.33 -4.62 19.09
CA ASP A 60 -16.67 -4.82 17.67
C ASP A 60 -15.84 -5.91 16.96
N ILE A 61 -15.04 -6.64 17.73
CA ILE A 61 -14.14 -7.67 17.17
C ILE A 61 -14.69 -9.07 17.46
N PRO A 62 -14.79 -9.91 16.42
CA PRO A 62 -15.30 -11.28 16.55
C PRO A 62 -14.50 -12.13 17.51
N SER A 63 -15.16 -13.08 18.13
CA SER A 63 -14.53 -13.94 19.11
C SER A 63 -13.48 -14.89 18.54
N ARG A 64 -13.38 -14.96 17.22
CA ARG A 64 -12.34 -15.83 16.63
C ARG A 64 -10.93 -15.22 16.79
N PHE A 65 -10.87 -13.96 17.20
CA PHE A 65 -9.60 -13.31 17.57
C PHE A 65 -9.35 -13.49 19.05
N SER A 66 -8.19 -14.01 19.42
CA SER A 66 -7.79 -14.09 20.81
C SER A 66 -6.30 -13.86 20.95
N GLY A 67 -5.85 -13.57 22.17
CA GLY A 67 -4.46 -13.27 22.41
C GLY A 67 -4.04 -13.83 23.74
N SER A 68 -2.75 -14.07 23.89
CA SER A 68 -2.16 -14.41 25.17
C SER A 68 -0.77 -13.82 25.28
N LYS A 69 -0.29 -13.69 26.50
CA LYS A 69 1.08 -13.29 26.78
C LYS A 69 1.78 -14.39 27.56
N SER A 70 3.05 -14.60 27.23
CA SER A 70 3.90 -15.53 27.97
C SER A 70 5.31 -14.98 28.06
N GLY A 71 5.65 -14.48 29.24
CA GLY A 71 6.93 -13.83 29.41
C GLY A 71 7.03 -12.57 28.57
N SER A 72 8.03 -12.53 27.70
CA SER A 72 8.27 -11.39 26.85
C SER A 72 7.87 -11.80 25.46
N THR A 73 6.84 -12.64 25.37
CA THR A 73 6.28 -12.99 24.08
C THR A 73 4.76 -12.89 24.18
N ALA A 74 4.13 -12.64 23.05
CA ALA A 74 2.68 -12.63 22.99
C ALA A 74 2.29 -13.32 21.73
N THR A 75 1.10 -13.89 21.72
CA THR A 75 0.61 -14.59 20.55
C THR A 75 -0.81 -14.17 20.22
N LEU A 76 -1.03 -13.83 18.96
CA LEU A 76 -2.32 -13.59 18.39
C LEU A 76 -2.83 -14.85 17.73
N THR A 77 -4.06 -15.24 18.03
CA THR A 77 -4.66 -16.40 17.38
C THR A 77 -5.91 -15.98 16.65
N ILE A 78 -6.07 -16.43 15.42
CA ILE A 78 -7.29 -16.21 14.64
C ILE A 78 -7.79 -17.60 14.25
N THR A 79 -8.94 -17.97 14.77
CA THR A 79 -9.50 -19.26 14.40
C THR A 79 -10.42 -19.03 13.21
N GLY A 80 -10.57 -20.03 12.37
CA GLY A 80 -11.53 -19.95 11.30
C GLY A 80 -11.22 -18.76 10.42
N VAL A 81 -9.97 -18.62 9.98
CA VAL A 81 -9.63 -17.46 9.15
C VAL A 81 -10.49 -17.35 7.89
N GLN A 82 -10.87 -16.11 7.62
CA GLN A 82 -11.63 -15.74 6.43
C GLN A 82 -10.75 -14.91 5.52
N ALA A 83 -11.08 -14.92 4.22
CA ALA A 83 -10.43 -14.00 3.29
C ALA A 83 -10.42 -12.55 3.79
N ASP A 84 -11.51 -12.13 4.45
CA ASP A 84 -11.60 -10.76 4.94
C ASP A 84 -10.59 -10.45 6.06
N ASP A 85 -9.92 -11.47 6.59
CA ASP A 85 -8.94 -11.27 7.67
C ASP A 85 -7.60 -10.94 7.13
N GLU A 86 -7.43 -10.97 5.81
CA GLU A 86 -6.13 -10.62 5.22
C GLU A 86 -5.79 -9.19 5.55
N ALA A 87 -4.55 -8.99 5.98
CA ALA A 87 -4.15 -7.73 6.59
C ALA A 87 -2.72 -7.84 7.07
N VAL A 88 -2.13 -6.71 7.46
CA VAL A 88 -0.90 -6.73 8.23
C VAL A 88 -1.33 -6.60 9.70
N TYR A 89 -0.74 -7.42 10.57
CA TYR A 89 -1.05 -7.38 12.00
C TYR A 89 0.21 -6.90 12.72
N PHE A 90 0.07 -5.76 13.40
CA PHE A 90 1.16 -5.14 14.11
C PHE A 90 1.00 -5.48 15.59
N CYS A 91 2.06 -5.92 16.23
N CYS A 91 2.08 -5.91 16.22
CA CYS A 91 2.04 -6.01 17.66
CA CYS A 91 2.13 -6.05 17.67
C CYS A 91 2.54 -4.69 18.19
C CYS A 91 2.74 -4.81 18.30
N GLY A 92 2.17 -4.38 19.43
CA GLY A 92 2.61 -3.15 20.09
C GLY A 92 2.72 -3.32 21.59
N GLY A 93 3.60 -2.55 22.20
CA GLY A 93 3.82 -2.62 23.63
C GLY A 93 4.61 -1.41 24.03
N ARG A 94 5.53 -1.61 24.95
CA ARG A 94 6.36 -0.51 25.43
C ARG A 94 7.72 -1.02 25.84
N ASP A 95 8.72 -0.13 25.89
CA ASP A 95 10.01 -0.56 26.40
C ASP A 95 10.07 -0.34 27.91
N SER A 96 11.26 -0.64 28.42
N SER A 96 11.28 -0.26 28.46
CA SER A 96 11.57 -0.62 29.84
CA SER A 96 11.45 0.11 29.88
C SER A 96 11.51 0.81 30.31
C SER A 96 11.80 1.60 30.15
N THR A 97 11.66 1.71 29.36
N THR A 97 11.62 2.50 29.18
CA THR A 97 11.44 3.11 29.61
CA THR A 97 11.98 3.92 29.38
C THR A 97 10.02 3.48 29.19
C THR A 97 10.97 4.92 28.81
N TYR A 98 9.75 4.76 29.30
CA TYR A 98 8.52 5.38 28.88
C TYR A 98 8.35 5.67 27.40
N ALA A 99 8.51 4.64 26.57
CA ALA A 99 8.33 4.78 25.11
C ALA A 99 7.55 3.59 24.57
N GLY A 100 6.67 3.85 23.62
CA GLY A 100 5.89 2.82 22.98
C GLY A 100 6.75 2.13 21.94
N MET A 101 6.42 0.87 21.66
CA MET A 101 7.14 0.10 20.66
C MET A 101 6.17 -0.67 19.81
N PHE A 102 6.49 -0.81 18.53
CA PHE A 102 5.75 -1.68 17.64
C PHE A 102 6.68 -2.76 17.07
N GLY A 103 6.09 -3.85 16.62
CA GLY A 103 6.74 -4.69 15.65
C GLY A 103 6.59 -4.20 14.22
N ALA A 104 7.32 -4.84 13.29
CA ALA A 104 7.30 -4.42 11.89
C ALA A 104 6.04 -4.86 11.14
N GLY A 105 5.24 -5.72 11.78
CA GLY A 105 4.01 -6.19 11.20
C GLY A 105 4.17 -7.54 10.52
N THR A 106 3.15 -8.38 10.67
CA THR A 106 3.08 -9.68 10.02
C THR A 106 1.97 -9.64 8.96
N THR A 107 2.31 -9.90 7.71
CA THR A 107 1.28 -9.94 6.68
C THR A 107 0.63 -11.31 6.64
N LEU A 108 -0.68 -11.34 6.84
CA LEU A 108 -1.45 -12.57 6.70
C LEU A 108 -2.02 -12.66 5.31
N THR A 109 -1.62 -13.71 4.60
CA THR A 109 -2.20 -14.02 3.30
C THR A 109 -3.15 -15.22 3.43
N VAL A 110 -4.33 -15.09 2.86
CA VAL A 110 -5.27 -16.19 2.84
C VAL A 110 -5.29 -16.78 1.43
N LEU A 111 -4.89 -18.03 1.36
CA LEU A 111 -4.61 -18.74 0.11
C LEU A 111 -5.86 -19.22 -0.63
N ALA A 119 -10.65 -10.62 -16.69
CA ALA A 119 -10.98 -9.31 -16.14
C ALA A 119 -9.95 -8.25 -16.54
N VAL A 120 -10.44 -7.14 -17.08
CA VAL A 120 -9.58 -6.03 -17.47
C VAL A 120 -8.97 -5.38 -16.22
N THR A 121 -7.65 -5.30 -16.16
CA THR A 121 -6.98 -4.69 -15.01
C THR A 121 -5.74 -3.84 -15.36
N LEU A 122 -5.53 -2.80 -14.56
CA LEU A 122 -4.43 -1.87 -14.75
C LEU A 122 -3.73 -1.72 -13.41
N ASP A 123 -2.42 -1.82 -13.38
CA ASP A 123 -1.69 -1.85 -12.12
C ASP A 123 -0.47 -0.92 -12.12
N GLU A 124 -0.59 0.23 -11.46
CA GLU A 124 0.50 1.22 -11.39
C GLU A 124 1.47 0.99 -10.25
N SER A 125 2.76 1.28 -10.54
CA SER A 125 3.83 1.24 -9.55
C SER A 125 4.91 2.27 -9.87
N GLY A 126 5.81 2.52 -8.92
CA GLY A 126 6.99 3.33 -9.16
C GLY A 126 6.99 4.62 -8.37
N GLY A 127 5.94 4.79 -7.58
CA GLY A 127 5.83 5.97 -6.75
C GLY A 127 6.46 5.77 -5.39
N GLY A 128 6.49 6.84 -4.62
CA GLY A 128 7.04 6.81 -3.29
C GLY A 128 7.63 8.17 -3.06
N LEU A 129 8.65 8.23 -2.22
CA LEU A 129 9.24 9.50 -1.84
C LEU A 129 10.21 9.94 -2.93
N GLN A 130 10.30 11.24 -3.16
CA GLN A 130 11.11 11.78 -4.25
C GLN A 130 11.71 13.12 -3.86
N THR A 131 12.84 13.46 -4.47
CA THR A 131 13.57 14.68 -4.12
C THR A 131 13.32 15.78 -5.15
N PRO A 132 13.05 17.03 -4.69
CA PRO A 132 12.86 18.15 -5.62
C PRO A 132 14.02 18.30 -6.61
N GLY A 133 13.69 18.33 -7.89
CA GLY A 133 14.69 18.33 -8.94
C GLY A 133 15.02 16.93 -9.39
N GLY A 134 14.60 15.94 -8.63
CA GLY A 134 14.85 14.56 -9.03
C GLY A 134 13.92 14.16 -10.15
N ALA A 135 13.85 12.86 -10.41
CA ALA A 135 12.98 12.35 -11.45
C ALA A 135 12.32 11.10 -10.97
N LEU A 136 11.19 10.77 -11.57
CA LEU A 136 10.49 9.52 -11.28
C LEU A 136 10.09 8.80 -12.55
N SER A 137 9.83 7.52 -12.40
CA SER A 137 9.32 6.71 -13.48
C SER A 137 8.20 5.84 -12.93
N LEU A 138 6.99 6.05 -13.47
CA LEU A 138 5.85 5.22 -13.12
C LEU A 138 5.56 4.30 -14.27
N VAL A 139 5.15 3.08 -13.96
CA VAL A 139 4.75 2.11 -14.96
C VAL A 139 3.41 1.53 -14.59
N CYS A 140 2.57 1.36 -15.60
CA CYS A 140 1.31 0.67 -15.46
C CYS A 140 1.33 -0.59 -16.30
N LYS A 141 1.00 -1.72 -15.68
CA LYS A 141 0.91 -2.99 -16.39
C LYS A 141 -0.56 -3.35 -16.61
N ALA A 142 -0.92 -3.53 -17.86
CA ALA A 142 -2.29 -3.77 -18.25
C ALA A 142 -2.47 -5.25 -18.45
N SER A 143 -3.70 -5.76 -18.32
CA SER A 143 -3.99 -7.13 -18.74
C SER A 143 -5.47 -7.34 -18.90
N GLY A 144 -5.84 -8.36 -19.67
CA GLY A 144 -7.24 -8.67 -19.88
C GLY A 144 -7.79 -8.05 -21.14
N PHE A 145 -6.94 -7.40 -21.93
CA PHE A 145 -7.42 -6.84 -23.19
C PHE A 145 -6.33 -6.64 -24.24
N THR A 146 -6.73 -6.44 -25.49
CA THR A 146 -5.78 -6.14 -26.55
C THR A 146 -5.22 -4.72 -26.33
N PHE A 147 -4.10 -4.65 -25.63
CA PHE A 147 -3.53 -3.39 -25.19
C PHE A 147 -3.24 -2.43 -26.33
N SER A 148 -2.71 -2.96 -27.43
CA SER A 148 -2.24 -2.12 -28.51
C SER A 148 -3.33 -1.32 -29.23
N VAL A 149 -4.60 -1.67 -29.05
CA VAL A 149 -5.67 -0.96 -29.76
C VAL A 149 -6.39 0.08 -28.88
N TYR A 150 -5.86 0.33 -27.69
CA TYR A 150 -6.41 1.37 -26.80
C TYR A 150 -5.45 2.51 -26.56
N ASP A 151 -6.00 3.73 -26.59
CA ASP A 151 -5.32 4.91 -26.06
C ASP A 151 -5.24 4.76 -24.54
N MET A 152 -4.19 5.33 -23.95
CA MET A 152 -4.01 5.28 -22.49
C MET A 152 -3.62 6.65 -21.96
N MET A 153 -3.92 6.94 -20.70
CA MET A 153 -3.49 8.23 -20.16
C MET A 153 -3.19 8.12 -18.65
N TRP A 154 -2.47 9.11 -18.15
CA TRP A 154 -2.24 9.30 -16.71
C TRP A 154 -2.98 10.50 -16.20
N VAL A 155 -3.52 10.38 -14.99
CA VAL A 155 -4.27 11.42 -14.32
C VAL A 155 -3.67 11.47 -12.93
N ARG A 156 -3.58 12.65 -12.35
CA ARG A 156 -3.13 12.73 -10.97
C ARG A 156 -4.09 13.52 -10.08
N GLN A 157 -3.84 13.42 -8.78
CA GLN A 157 -4.68 14.11 -7.82
C GLN A 157 -3.85 14.50 -6.61
N ALA A 158 -3.64 15.79 -6.46
CA ALA A 158 -2.88 16.34 -5.35
C ALA A 158 -3.71 16.21 -4.06
N PRO A 159 -3.02 16.14 -2.90
CA PRO A 159 -3.74 16.00 -1.61
C PRO A 159 -4.85 17.03 -1.47
N SER A 160 -6.05 16.53 -1.20
CA SER A 160 -7.23 17.37 -1.00
C SER A 160 -7.60 18.21 -2.22
N LYS A 161 -7.23 17.75 -3.42
CA LYS A 161 -7.57 18.45 -4.66
C LYS A 161 -8.32 17.53 -5.64
N GLY A 162 -8.71 18.07 -6.79
CA GLY A 162 -9.45 17.31 -7.77
C GLY A 162 -8.53 16.60 -8.75
N LEU A 163 -9.15 15.93 -9.72
CA LEU A 163 -8.43 15.18 -10.73
C LEU A 163 -7.84 16.13 -11.73
N GLU A 164 -6.64 15.79 -12.22
CA GLU A 164 -5.91 16.60 -13.18
C GLU A 164 -5.30 15.69 -14.25
N TRP A 165 -5.56 16.01 -15.49
CA TRP A 165 -4.97 15.25 -16.58
C TRP A 165 -3.49 15.58 -16.66
N VAL A 166 -2.66 14.54 -16.86
CA VAL A 166 -1.21 14.71 -16.95
C VAL A 166 -0.68 14.49 -18.37
N ALA A 167 -0.99 13.33 -18.95
CA ALA A 167 -0.41 12.98 -20.27
C ALA A 167 -1.15 11.80 -20.84
N GLY A 168 -1.09 11.64 -22.15
CA GLY A 168 -1.77 10.53 -22.76
C GLY A 168 -1.06 10.09 -24.01
N ILE A 169 -1.33 8.87 -24.43
CA ILE A 169 -0.69 8.31 -25.63
C ILE A 169 -1.73 7.55 -26.46
N GLY A 170 -1.69 7.77 -27.77
CA GLY A 170 -2.62 7.15 -28.70
C GLY A 170 -2.09 5.85 -29.27
N ILE A 171 -2.85 5.22 -30.14
CA ILE A 171 -2.44 3.90 -30.62
C ILE A 171 -1.30 3.99 -31.64
N THR A 172 -1.13 5.15 -32.28
CA THR A 172 0.01 5.33 -33.22
C THR A 172 1.21 5.99 -32.54
N GLY A 173 1.15 6.12 -31.21
CA GLY A 173 2.27 6.64 -30.48
C GLY A 173 2.24 8.15 -30.29
N SER A 174 1.18 8.83 -30.76
CA SER A 174 1.09 10.27 -30.55
C SER A 174 1.01 10.52 -29.06
N THR A 175 1.82 11.45 -28.55
CA THR A 175 1.77 11.79 -27.12
C THR A 175 1.30 13.23 -26.87
N TYR A 176 0.70 13.46 -25.69
CA TYR A 176 0.06 14.70 -25.37
C TYR A 176 0.31 14.94 -23.89
N TYR A 177 0.62 16.18 -23.55
CA TYR A 177 1.01 16.56 -22.18
C TYR A 177 0.29 17.77 -21.66
N ALA A 178 0.00 17.76 -20.37
CA ALA A 178 -0.60 18.89 -19.73
C ALA A 178 0.46 19.98 -19.62
N SER A 179 0.02 21.23 -19.67
CA SER A 179 0.91 22.37 -19.50
C SER A 179 1.71 22.29 -18.20
N ALA A 180 1.07 21.83 -17.14
CA ALA A 180 1.75 21.64 -15.85
C ALA A 180 3.06 20.82 -15.93
N VAL A 181 3.20 19.97 -16.95
CA VAL A 181 4.33 19.04 -16.98
C VAL A 181 5.07 19.10 -18.30
N LYS A 182 4.68 20.03 -19.16
CA LYS A 182 5.29 20.13 -20.48
C LYS A 182 6.76 20.41 -20.31
N GLY A 183 7.58 19.69 -21.07
CA GLY A 183 9.03 19.84 -21.00
C GLY A 183 9.68 18.92 -20.00
N ARG A 184 8.90 18.36 -19.10
CA ARG A 184 9.41 17.54 -18.01
C ARG A 184 8.92 16.12 -18.06
N ALA A 185 7.91 15.87 -18.90
CA ALA A 185 7.26 14.57 -18.89
C ALA A 185 7.54 13.81 -20.18
N THR A 186 7.61 12.48 -20.07
CA THR A 186 7.60 11.62 -21.24
C THR A 186 6.71 10.44 -20.96
N ILE A 187 5.70 10.26 -21.81
CA ILE A 187 4.83 9.08 -21.75
C ILE A 187 5.19 8.18 -22.92
N SER A 188 5.30 6.89 -22.66
CA SER A 188 5.58 5.91 -23.68
C SER A 188 4.80 4.64 -23.46
N ARG A 189 4.72 3.79 -24.49
CA ARG A 189 4.05 2.50 -24.30
C ARG A 189 4.92 1.40 -24.86
N ASP A 190 4.77 0.21 -24.31
CA ASP A 190 5.45 -0.98 -24.81
C ASP A 190 4.37 -2.02 -25.09
N ASN A 191 3.95 -2.13 -26.33
CA ASN A 191 2.80 -2.99 -26.61
C ASN A 191 3.12 -4.45 -26.32
N GLY A 192 4.39 -4.80 -26.46
CA GLY A 192 4.83 -6.16 -26.19
C GLY A 192 4.69 -6.55 -24.74
N GLN A 193 4.91 -5.59 -23.84
CA GLN A 193 4.81 -5.85 -22.40
C GLN A 193 3.48 -5.33 -21.82
N SER A 194 2.59 -4.81 -22.67
CA SER A 194 1.34 -4.19 -22.20
C SER A 194 1.58 -3.22 -21.08
N THR A 195 2.61 -2.38 -21.22
CA THR A 195 2.91 -1.37 -20.21
C THR A 195 2.87 0.03 -20.81
N VAL A 196 2.53 0.98 -19.98
CA VAL A 196 2.67 2.38 -20.30
C VAL A 196 3.51 2.98 -19.17
N ARG A 197 4.37 3.91 -19.55
CA ARG A 197 5.36 4.47 -18.66
C ARG A 197 5.20 5.98 -18.65
N LEU A 198 5.31 6.58 -17.49
CA LEU A 198 5.33 8.03 -17.36
C LEU A 198 6.61 8.43 -16.64
N GLN A 199 7.45 9.18 -17.32
CA GLN A 199 8.65 9.72 -16.72
C GLN A 199 8.42 11.17 -16.49
N LEU A 200 8.83 11.65 -15.33
CA LEU A 200 8.63 13.03 -14.97
C LEU A 200 9.89 13.49 -14.28
N ASN A 201 10.47 14.58 -14.77
CA ASN A 201 11.72 15.08 -14.20
C ASN A 201 11.61 16.49 -13.63
N ASN A 202 12.68 16.92 -12.96
CA ASN A 202 12.71 18.23 -12.34
C ASN A 202 11.50 18.40 -11.43
N LEU A 203 11.27 17.42 -10.57
CA LEU A 203 10.08 17.37 -9.74
C LEU A 203 9.92 18.63 -8.88
N ARG A 204 8.68 19.10 -8.77
CA ARG A 204 8.31 20.21 -7.90
C ARG A 204 7.34 19.69 -6.85
N ALA A 205 7.06 20.49 -5.84
CA ALA A 205 6.09 20.10 -4.82
C ALA A 205 4.70 19.89 -5.46
N GLU A 206 4.36 20.71 -6.44
CA GLU A 206 3.09 20.56 -7.14
C GLU A 206 2.92 19.19 -7.81
N ASP A 207 4.01 18.45 -7.97
CA ASP A 207 3.88 17.13 -8.59
C ASP A 207 3.44 16.11 -7.56
N THR A 208 3.36 16.50 -6.30
CA THR A 208 2.95 15.53 -5.29
C THR A 208 1.48 15.10 -5.46
N GLY A 209 1.24 13.82 -5.32
CA GLY A 209 -0.11 13.29 -5.39
C GLY A 209 -0.20 11.83 -5.77
N THR A 210 -1.42 11.37 -6.00
CA THR A 210 -1.69 10.02 -6.40
C THR A 210 -1.84 10.06 -7.92
N TYR A 211 -1.22 9.08 -8.59
CA TYR A 211 -1.16 9.03 -10.05
C TYR A 211 -1.88 7.79 -10.53
N TYR A 212 -2.82 7.97 -11.45
CA TYR A 212 -3.63 6.88 -11.96
C TYR A 212 -3.38 6.70 -13.45
N CYS A 213 -3.31 5.47 -13.90
CA CYS A 213 -3.37 5.17 -15.33
C CYS A 213 -4.79 4.76 -15.67
N ALA A 214 -5.28 5.09 -16.85
CA ALA A 214 -6.65 4.78 -17.22
C ALA A 214 -6.72 4.46 -18.69
N ARG A 215 -7.69 3.63 -19.07
CA ARG A 215 -7.77 3.14 -20.43
C ARG A 215 -8.85 3.84 -21.21
N GLY A 216 -8.52 4.26 -22.43
CA GLY A 216 -9.53 4.58 -23.42
C GLY A 216 -9.31 5.84 -24.23
N GLY A 217 -8.65 6.84 -23.63
CA GLY A 217 -8.39 8.09 -24.29
C GLY A 217 -6.96 8.48 -24.07
N ALA A 218 -6.45 9.38 -24.90
CA ALA A 218 -5.14 9.98 -24.74
C ALA A 218 -5.29 11.36 -24.12
N TYR A 219 -6.07 12.20 -24.78
CA TYR A 219 -6.46 13.49 -24.22
C TYR A 219 -7.97 13.59 -24.00
N SER A 220 -8.73 12.60 -24.44
CA SER A 220 -10.19 12.66 -24.35
C SER A 220 -10.62 11.89 -23.11
N ILE A 221 -10.76 12.63 -22.02
CA ILE A 221 -11.09 12.02 -20.73
C ILE A 221 -12.44 11.30 -20.78
N ASN A 222 -13.34 11.77 -21.61
CA ASN A 222 -14.64 11.15 -21.80
C ASN A 222 -14.62 9.70 -22.26
N LYS A 223 -13.48 9.23 -22.80
CA LYS A 223 -13.39 7.86 -23.34
C LYS A 223 -12.93 6.85 -22.30
N LEU A 224 -12.63 7.32 -21.08
CA LEU A 224 -12.06 6.43 -20.06
C LEU A 224 -13.08 5.50 -19.48
N ASP A 225 -12.86 4.20 -19.65
CA ASP A 225 -13.78 3.22 -19.06
C ASP A 225 -13.21 2.40 -17.92
N THR A 226 -11.89 2.49 -17.70
CA THR A 226 -11.20 1.69 -16.67
C THR A 226 -10.05 2.46 -16.07
N TRP A 227 -9.92 2.36 -14.74
CA TRP A 227 -8.93 3.09 -13.95
C TRP A 227 -8.08 2.10 -13.15
N GLY A 228 -6.80 2.42 -12.97
CA GLY A 228 -5.94 1.67 -12.07
C GLY A 228 -6.26 2.04 -10.64
N GLN A 229 -5.48 1.54 -9.69
CA GLN A 229 -5.73 1.82 -8.28
C GLN A 229 -4.88 2.95 -7.81
N GLY A 230 -3.91 3.34 -8.64
CA GLY A 230 -3.10 4.50 -8.35
C GLY A 230 -1.77 4.15 -7.72
N THR A 231 -0.84 5.08 -7.81
CA THR A 231 0.41 5.01 -7.06
C THR A 231 0.68 6.39 -6.51
N GLU A 232 1.06 6.44 -5.23
CA GLU A 232 1.32 7.71 -4.59
C GLU A 232 2.76 8.20 -4.86
N VAL A 233 2.88 9.51 -5.07
CA VAL A 233 4.14 10.17 -5.31
C VAL A 233 4.26 11.34 -4.36
N ILE A 234 5.32 11.34 -3.55
CA ILE A 234 5.55 12.45 -2.63
C ILE A 234 6.91 13.06 -2.90
N VAL A 235 6.90 14.33 -3.29
CA VAL A 235 8.11 15.11 -3.47
C VAL A 235 8.35 15.82 -2.15
#